data_6XTI
#
_entry.id   6XTI
#
_entity_poly.entity_id   1
_entity_poly.type   'polypeptide(L)'
_entity_poly.pdbx_seq_one_letter_code
;GGGGRGYEYNKQCLIFC
;
_entity_poly.pdbx_strand_id   A
#
# COMPACT_ATOMS: atom_id res chain seq x y z
N GLY A 1 -3.66 -0.79 1.85
CA GLY A 1 -3.99 -2.05 1.21
C GLY A 1 -4.56 -1.94 -0.19
N GLY A 2 -4.13 -0.92 -0.95
CA GLY A 2 -4.73 -0.66 -2.25
C GLY A 2 -3.84 -0.64 -3.48
N GLY A 3 -2.53 -0.42 -3.31
CA GLY A 3 -1.64 -0.35 -4.45
C GLY A 3 -0.63 -1.47 -4.51
N GLY A 4 0.62 -1.14 -4.85
CA GLY A 4 1.69 -2.11 -4.87
C GLY A 4 2.07 -2.61 -3.49
N ARG A 5 3.20 -2.15 -2.96
CA ARG A 5 3.63 -2.49 -1.60
C ARG A 5 4.30 -1.29 -0.95
N GLY A 6 4.01 -1.07 0.31
CA GLY A 6 4.47 0.13 1.01
C GLY A 6 3.58 0.46 2.19
N TYR A 7 3.28 1.73 2.38
CA TYR A 7 2.38 2.18 3.45
C TYR A 7 1.01 1.53 3.32
N GLU A 8 0.23 1.60 4.42
CA GLU A 8 -1.10 1.00 4.56
C GLU A 8 -1.04 -0.45 4.99
N TYR A 9 -1.00 -0.62 6.33
CA TYR A 9 -0.86 -1.94 6.94
C TYR A 9 0.49 -2.51 6.48
N ASN A 10 0.59 -3.83 6.30
CA ASN A 10 1.81 -4.45 5.81
C ASN A 10 1.55 -5.23 4.52
N LYS A 11 0.48 -4.88 3.81
CA LYS A 11 0.00 -5.65 2.68
C LYS A 11 0.27 -4.99 1.33
N GLN A 12 -0.40 -3.88 1.07
CA GLN A 12 -0.33 -3.19 -0.21
C GLN A 12 -0.34 -1.68 0.00
N CYS A 13 0.18 -0.94 -0.98
CA CYS A 13 0.43 0.49 -0.83
C CYS A 13 -0.80 1.33 -0.47
N LEU A 14 -0.54 2.53 0.04
CA LEU A 14 -1.59 3.50 0.38
C LEU A 14 -2.02 4.29 -0.85
N ILE A 15 -2.38 3.56 -1.89
CA ILE A 15 -2.86 4.08 -3.17
C ILE A 15 -1.78 4.80 -3.97
N PHE A 16 -1.19 5.84 -3.39
CA PHE A 16 -0.22 6.69 -4.08
C PHE A 16 1.18 6.09 -3.92
N CYS A 17 1.36 4.89 -4.48
CA CYS A 17 2.62 4.15 -4.31
C CYS A 17 3.81 4.85 -4.93
N GLY A 1 -4.01 -1.39 1.04
CA GLY A 1 -3.76 -0.52 -0.11
C GLY A 1 -4.38 -1.06 -1.37
N GLY A 2 -4.18 -0.36 -2.48
CA GLY A 2 -4.80 -0.75 -3.75
C GLY A 2 -4.15 -1.89 -4.50
N GLY A 3 -2.94 -2.29 -4.11
CA GLY A 3 -2.26 -3.39 -4.77
C GLY A 3 -0.75 -3.26 -4.83
N GLY A 4 -0.26 -2.03 -4.86
CA GLY A 4 1.18 -1.77 -4.85
C GLY A 4 1.72 -1.96 -3.45
N ARG A 5 2.94 -1.49 -3.20
CA ARG A 5 3.58 -1.61 -1.89
C ARG A 5 3.88 -0.26 -1.26
N GLY A 6 4.00 -0.23 0.06
CA GLY A 6 4.31 0.98 0.79
C GLY A 6 3.40 1.25 1.97
N TYR A 7 3.64 0.53 3.06
CA TYR A 7 2.88 0.65 4.31
C TYR A 7 1.48 0.03 4.24
N GLU A 8 0.42 0.85 4.27
CA GLU A 8 -0.97 0.39 4.34
C GLU A 8 -1.18 -0.54 5.53
N TYR A 9 -2.18 -1.44 5.42
CA TYR A 9 -2.55 -2.34 6.51
C TYR A 9 -1.46 -3.37 6.84
N ASN A 10 -0.83 -3.92 5.80
CA ASN A 10 0.17 -4.97 5.98
C ASN A 10 1.50 -4.62 5.34
N LYS A 11 1.52 -4.42 4.03
CA LYS A 11 2.69 -3.91 3.32
C LYS A 11 2.36 -3.26 1.97
N GLN A 12 1.06 -3.10 1.72
CA GLN A 12 0.56 -2.57 0.46
C GLN A 12 0.75 -1.06 0.39
N CYS A 13 0.37 -0.43 -0.72
CA CYS A 13 0.54 1.01 -0.88
C CYS A 13 -0.49 1.83 -0.10
N LEU A 14 -0.01 2.69 0.79
CA LEU A 14 -0.87 3.64 1.48
C LEU A 14 -1.23 4.84 0.62
N ILE A 15 -0.26 5.34 -0.13
CA ILE A 15 -0.44 6.57 -0.92
C ILE A 15 -0.20 6.34 -2.41
N PHE A 16 0.93 5.76 -2.77
CA PHE A 16 1.33 5.68 -4.17
C PHE A 16 0.85 4.40 -4.85
N CYS A 17 -0.48 4.28 -4.99
CA CYS A 17 -1.10 3.15 -5.67
C CYS A 17 -1.22 3.37 -7.17
N GLY A 1 -4.30 0.48 1.21
CA GLY A 1 -5.03 0.10 0.01
C GLY A 1 -4.66 -1.28 -0.48
N GLY A 2 -5.10 -1.63 -1.67
CA GLY A 2 -4.78 -2.94 -2.24
C GLY A 2 -3.92 -2.91 -3.49
N GLY A 3 -3.39 -1.74 -3.84
CA GLY A 3 -2.64 -1.58 -5.07
C GLY A 3 -1.17 -1.26 -4.87
N GLY A 4 -0.32 -2.28 -4.97
CA GLY A 4 1.12 -2.09 -4.82
C GLY A 4 1.62 -2.44 -3.43
N ARG A 5 2.83 -2.00 -3.10
CA ARG A 5 3.45 -2.29 -1.80
C ARG A 5 4.15 -1.08 -1.20
N GLY A 6 3.94 -0.86 0.10
CA GLY A 6 4.60 0.23 0.80
C GLY A 6 4.13 0.55 2.20
N TYR A 7 2.83 0.49 2.46
CA TYR A 7 2.26 0.82 3.78
C TYR A 7 0.82 0.31 3.90
N GLU A 8 -0.10 1.19 4.35
CA GLU A 8 -1.52 0.90 4.59
C GLU A 8 -1.76 -0.16 5.65
N TYR A 9 -1.61 -1.42 5.23
CA TYR A 9 -2.04 -2.57 6.02
C TYR A 9 -0.86 -3.24 6.70
N ASN A 10 0.19 -3.49 5.91
CA ASN A 10 1.44 -4.08 6.37
C ASN A 10 2.38 -4.18 5.17
N LYS A 11 1.87 -4.73 4.07
CA LYS A 11 2.66 -4.99 2.87
C LYS A 11 2.14 -4.31 1.61
N GLN A 12 0.87 -3.95 1.61
CA GLN A 12 0.23 -3.29 0.48
C GLN A 12 0.64 -1.82 0.40
N CYS A 13 0.09 -1.06 -0.54
CA CYS A 13 0.42 0.37 -0.65
C CYS A 13 -0.70 1.28 -0.15
N LEU A 14 -0.36 2.51 0.21
CA LEU A 14 -1.33 3.45 0.77
C LEU A 14 -1.88 4.46 -0.25
N ILE A 15 -1.09 5.45 -0.65
CA ILE A 15 -1.55 6.51 -1.54
C ILE A 15 -0.46 6.79 -2.58
N PHE A 16 -0.86 6.80 -3.85
CA PHE A 16 0.04 7.10 -4.97
C PHE A 16 1.26 6.20 -4.93
N CYS A 17 1.03 4.88 -4.90
CA CYS A 17 2.12 3.91 -4.80
C CYS A 17 3.32 4.29 -5.66
N GLY A 1 -4.09 -1.52 1.51
CA GLY A 1 -3.89 -0.83 0.25
C GLY A 1 -4.48 -1.63 -0.89
N GLY A 2 -4.31 -1.15 -2.12
CA GLY A 2 -4.99 -1.75 -3.26
C GLY A 2 -4.17 -2.11 -4.49
N GLY A 3 -2.96 -2.65 -4.31
CA GLY A 3 -2.18 -3.09 -5.45
C GLY A 3 -0.68 -3.08 -5.29
N GLY A 4 -0.10 -1.90 -5.10
CA GLY A 4 1.33 -1.78 -4.91
C GLY A 4 1.73 -1.99 -3.47
N ARG A 5 2.96 -1.64 -3.12
CA ARG A 5 3.46 -1.80 -1.76
C ARG A 5 3.97 -0.47 -1.23
N GLY A 6 3.67 -0.18 0.04
CA GLY A 6 4.13 1.04 0.69
C GLY A 6 3.24 1.44 1.83
N TYR A 7 3.56 0.95 3.02
CA TYR A 7 2.81 1.19 4.25
C TYR A 7 1.48 0.44 4.27
N GLU A 8 0.35 1.15 4.44
CA GLU A 8 -0.99 0.58 4.56
C GLU A 8 -1.09 -0.34 5.78
N TYR A 9 -2.15 -1.17 5.84
CA TYR A 9 -2.37 -2.06 6.96
C TYR A 9 -1.21 -3.05 7.09
N ASN A 10 -0.80 -3.60 5.95
CA ASN A 10 0.42 -4.40 5.87
C ASN A 10 0.77 -4.65 4.40
N LYS A 11 2.02 -4.41 4.03
CA LYS A 11 2.59 -4.84 2.76
C LYS A 11 1.97 -4.28 1.47
N GLN A 12 1.04 -3.34 1.60
CA GLN A 12 0.36 -2.76 0.44
C GLN A 12 0.53 -1.24 0.39
N CYS A 13 0.05 -0.62 -0.68
CA CYS A 13 0.21 0.82 -0.90
C CYS A 13 -0.79 1.70 -0.15
N LEU A 14 -0.30 2.71 0.55
CA LEU A 14 -1.16 3.68 1.22
C LEU A 14 -1.38 4.96 0.42
N ILE A 15 -0.29 5.56 -0.06
CA ILE A 15 -0.37 6.84 -0.78
C ILE A 15 -0.01 6.64 -2.24
N PHE A 16 1.11 5.98 -2.49
CA PHE A 16 1.68 5.88 -3.83
C PHE A 16 1.27 4.56 -4.45
N CYS A 17 0.26 4.62 -5.34
CA CYS A 17 -0.34 3.41 -5.93
C CYS A 17 -0.85 3.63 -7.34
N GLY A 1 -4.08 -1.87 1.42
CA GLY A 1 -4.38 -0.90 0.39
C GLY A 1 -5.03 -1.48 -0.85
N GLY A 2 -4.43 -2.52 -1.41
CA GLY A 2 -4.98 -3.17 -2.59
C GLY A 2 -3.97 -3.59 -3.65
N GLY A 3 -3.39 -2.62 -4.35
CA GLY A 3 -2.61 -2.92 -5.53
C GLY A 3 -1.10 -2.87 -5.38
N GLY A 4 -0.55 -1.66 -5.27
CA GLY A 4 0.89 -1.51 -5.15
C GLY A 4 1.37 -1.68 -3.73
N ARG A 5 2.59 -1.24 -3.45
CA ARG A 5 3.19 -1.37 -2.12
C ARG A 5 3.65 -0.01 -1.58
N GLY A 6 3.65 0.11 -0.25
CA GLY A 6 3.99 1.36 0.40
C GLY A 6 3.12 1.63 1.61
N TYR A 7 3.50 1.05 2.74
CA TYR A 7 2.78 1.19 4.01
C TYR A 7 1.45 0.43 4.02
N GLU A 8 0.32 1.15 4.16
CA GLU A 8 -1.01 0.56 4.36
C GLU A 8 -1.06 -0.27 5.62
N TYR A 9 -1.90 -1.32 5.63
CA TYR A 9 -2.14 -2.13 6.82
C TYR A 9 -1.06 -3.18 7.04
N ASN A 10 -0.58 -3.76 5.95
CA ASN A 10 0.43 -4.81 6.00
C ASN A 10 1.67 -4.42 5.19
N LYS A 11 1.63 -4.59 3.87
CA LYS A 11 2.71 -4.20 2.97
C LYS A 11 2.13 -3.82 1.62
N GLN A 12 1.22 -2.86 1.62
CA GLN A 12 0.45 -2.50 0.43
C GLN A 12 0.41 -0.98 0.26
N CYS A 13 -0.25 -0.52 -0.79
CA CYS A 13 -0.32 0.91 -1.10
C CYS A 13 -1.18 1.74 -0.14
N LEU A 14 -0.60 2.74 0.50
CA LEU A 14 -1.38 3.75 1.21
C LEU A 14 -1.76 4.95 0.34
N ILE A 15 -0.80 5.52 -0.38
CA ILE A 15 -1.06 6.67 -1.25
C ILE A 15 -0.36 6.57 -2.60
N PHE A 16 0.97 6.46 -2.59
CA PHE A 16 1.74 6.49 -3.82
C PHE A 16 2.12 5.07 -4.23
N CYS A 17 1.17 4.37 -4.87
CA CYS A 17 1.31 2.93 -5.12
C CYS A 17 2.56 2.57 -5.89
N GLY A 1 -4.46 -1.48 2.09
CA GLY A 1 -4.30 -0.98 0.74
C GLY A 1 -4.88 -1.96 -0.27
N GLY A 2 -4.47 -1.88 -1.53
CA GLY A 2 -5.01 -2.78 -2.54
C GLY A 2 -4.34 -2.73 -3.89
N GLY A 3 -3.27 -3.51 -4.05
CA GLY A 3 -2.63 -3.67 -5.35
C GLY A 3 -1.15 -3.35 -5.33
N GLY A 4 -0.82 -2.06 -5.30
CA GLY A 4 0.57 -1.65 -5.23
C GLY A 4 1.13 -1.90 -3.85
N ARG A 5 2.38 -1.48 -3.64
CA ARG A 5 3.07 -1.71 -2.36
C ARG A 5 3.35 -0.40 -1.64
N GLY A 6 3.62 -0.49 -0.34
CA GLY A 6 3.89 0.69 0.46
C GLY A 6 3.78 0.50 1.96
N TYR A 7 2.70 1.03 2.53
CA TYR A 7 2.54 1.16 3.97
C TYR A 7 1.22 0.58 4.49
N GLU A 8 0.15 0.81 3.71
CA GLU A 8 -1.24 0.48 4.08
C GLU A 8 -1.39 -0.89 4.72
N TYR A 9 -1.54 -0.86 6.06
CA TYR A 9 -1.70 -2.05 6.91
C TYR A 9 -0.47 -2.95 6.93
N ASN A 10 -0.18 -3.59 5.81
CA ASN A 10 0.99 -4.46 5.69
C ASN A 10 1.57 -4.35 4.29
N LYS A 11 2.41 -3.33 4.11
CA LYS A 11 3.20 -3.13 2.89
C LYS A 11 2.38 -2.92 1.62
N GLN A 12 1.13 -2.50 1.74
CA GLN A 12 0.27 -2.26 0.58
C GLN A 12 0.23 -0.79 0.21
N CYS A 13 -0.24 -0.49 -1.00
CA CYS A 13 -0.30 0.89 -1.46
C CYS A 13 -1.22 1.76 -0.61
N LEU A 14 -0.68 2.88 -0.14
CA LEU A 14 -1.44 3.89 0.60
C LEU A 14 -1.49 5.16 -0.24
N ILE A 15 -2.06 5.03 -1.44
CA ILE A 15 -2.11 6.05 -2.47
C ILE A 15 -0.76 6.20 -3.16
N PHE A 16 0.30 6.37 -2.36
CA PHE A 16 1.63 6.64 -2.87
C PHE A 16 2.40 5.33 -3.01
N CYS A 17 1.93 4.48 -3.92
CA CYS A 17 2.43 3.10 -4.04
C CYS A 17 3.94 3.03 -4.08
N GLY A 1 -4.31 -1.54 1.59
CA GLY A 1 -4.01 -1.02 0.27
C GLY A 1 -4.58 -1.87 -0.84
N GLY A 2 -4.99 -1.22 -1.93
CA GLY A 2 -5.67 -1.92 -3.02
C GLY A 2 -4.79 -2.44 -4.13
N GLY A 3 -3.62 -1.86 -4.34
CA GLY A 3 -2.77 -2.28 -5.45
C GLY A 3 -1.42 -1.61 -5.49
N GLY A 4 -0.40 -2.30 -4.98
CA GLY A 4 0.95 -1.77 -4.94
C GLY A 4 1.56 -2.01 -3.57
N ARG A 5 2.60 -1.25 -3.21
CA ARG A 5 3.28 -1.42 -1.94
C ARG A 5 3.64 -0.10 -1.26
N GLY A 6 3.62 -0.11 0.07
CA GLY A 6 3.94 1.07 0.87
C GLY A 6 2.96 1.33 1.98
N TYR A 7 3.23 0.77 3.17
CA TYR A 7 2.40 0.92 4.36
C TYR A 7 1.11 0.10 4.23
N GLU A 8 -0.05 0.69 4.60
CA GLU A 8 -1.38 0.10 4.39
C GLU A 8 -1.49 -1.33 4.88
N TYR A 9 -1.91 -1.46 6.15
CA TYR A 9 -2.13 -2.72 6.84
C TYR A 9 -0.84 -3.48 7.15
N ASN A 10 0.00 -3.67 6.16
CA ASN A 10 1.31 -4.30 6.36
C ASN A 10 2.35 -3.83 5.34
N LYS A 11 2.13 -4.14 4.07
CA LYS A 11 3.07 -3.79 3.01
C LYS A 11 2.40 -3.21 1.76
N GLN A 12 1.08 -3.15 1.77
CA GLN A 12 0.30 -2.76 0.60
C GLN A 12 0.35 -1.26 0.35
N CYS A 13 -0.17 -0.82 -0.80
CA CYS A 13 -0.12 0.60 -1.14
C CYS A 13 -1.10 1.48 -0.37
N LEU A 14 -0.57 2.46 0.36
CA LEU A 14 -1.42 3.47 1.00
C LEU A 14 -1.69 4.67 0.11
N ILE A 15 -0.65 5.22 -0.53
CA ILE A 15 -0.80 6.43 -1.34
C ILE A 15 -0.07 6.35 -2.69
N PHE A 16 1.23 6.04 -2.68
CA PHE A 16 2.08 6.31 -3.83
C PHE A 16 2.25 5.09 -4.73
N CYS A 17 1.11 4.52 -5.17
CA CYS A 17 1.11 3.23 -5.87
C CYS A 17 1.94 3.26 -7.15
N GLY A 1 -4.39 -2.59 2.32
CA GLY A 1 -5.65 -2.05 1.83
C GLY A 1 -5.59 -1.42 0.45
N GLY A 2 -4.74 -1.95 -0.43
CA GLY A 2 -4.63 -1.45 -1.77
C GLY A 2 -3.98 -2.43 -2.72
N GLY A 3 -3.32 -1.91 -3.76
CA GLY A 3 -2.78 -2.75 -4.81
C GLY A 3 -1.28 -2.90 -4.89
N GLY A 4 -0.56 -1.79 -5.10
CA GLY A 4 0.89 -1.85 -5.17
C GLY A 4 1.50 -1.95 -3.78
N ARG A 5 2.76 -1.55 -3.61
CA ARG A 5 3.37 -1.53 -2.28
C ARG A 5 3.77 -0.12 -1.87
N GLY A 6 3.35 0.29 -0.68
CA GLY A 6 3.63 1.60 -0.14
C GLY A 6 3.22 1.66 1.32
N TYR A 7 2.31 2.58 1.65
CA TYR A 7 1.68 2.61 2.97
C TYR A 7 0.56 1.57 3.01
N GLU A 8 -0.37 1.68 3.98
CA GLU A 8 -1.48 0.74 4.18
C GLU A 8 -1.05 -0.44 5.01
N TYR A 9 -1.98 -0.91 5.86
CA TYR A 9 -1.80 -2.08 6.74
C TYR A 9 -0.40 -2.68 6.78
N ASN A 10 -0.06 -3.52 5.82
CA ASN A 10 1.33 -3.90 5.56
C ASN A 10 1.41 -4.50 4.16
N LYS A 11 2.59 -4.42 3.54
CA LYS A 11 2.91 -5.06 2.27
C LYS A 11 2.23 -4.48 1.03
N GLN A 12 1.05 -3.89 1.19
CA GLN A 12 0.32 -3.27 0.09
C GLN A 12 0.57 -1.75 0.08
N CYS A 13 -0.30 -1.00 -0.58
CA CYS A 13 -0.14 0.44 -0.76
C CYS A 13 -1.40 1.22 -0.39
N LEU A 14 -1.23 2.44 0.11
CA LEU A 14 -2.37 3.33 0.37
C LEU A 14 -2.53 4.39 -0.72
N ILE A 15 -1.45 5.13 -1.00
CA ILE A 15 -1.48 6.18 -2.01
C ILE A 15 -0.20 6.16 -2.85
N PHE A 16 0.95 6.28 -2.20
CA PHE A 16 2.23 6.35 -2.90
C PHE A 16 2.88 4.98 -2.92
N CYS A 17 2.84 4.32 -4.09
CA CYS A 17 3.23 2.91 -4.20
C CYS A 17 4.68 2.73 -4.62
N GLY A 1 -4.21 -1.33 1.52
CA GLY A 1 -3.78 -0.68 0.30
C GLY A 1 -4.28 -1.39 -0.94
N GLY A 2 -4.51 -0.64 -2.02
CA GLY A 2 -5.04 -1.20 -3.24
C GLY A 2 -4.02 -1.42 -4.35
N GLY A 3 -2.79 -1.01 -4.12
CA GLY A 3 -1.74 -1.17 -5.12
C GLY A 3 -0.68 -2.15 -4.67
N GLY A 4 0.57 -1.92 -5.07
CA GLY A 4 1.65 -2.83 -4.75
C GLY A 4 2.03 -2.89 -3.29
N ARG A 5 3.09 -2.17 -2.90
CA ARG A 5 3.58 -2.18 -1.53
C ARG A 5 3.90 -0.78 -1.02
N GLY A 6 3.80 -0.62 0.30
CA GLY A 6 4.06 0.65 0.94
C GLY A 6 3.16 0.97 2.12
N TYR A 7 3.38 0.28 3.24
CA TYR A 7 2.86 0.64 4.55
C TYR A 7 1.40 0.30 4.90
N GLU A 8 0.52 0.24 3.90
CA GLU A 8 -0.92 0.06 4.11
C GLU A 8 -1.27 -1.24 4.81
N TYR A 9 -1.46 -1.10 6.14
CA TYR A 9 -2.08 -2.10 7.01
C TYR A 9 -1.27 -3.37 7.26
N ASN A 10 -0.71 -3.92 6.18
CA ASN A 10 0.18 -5.08 6.27
C ASN A 10 1.46 -4.75 5.50
N LYS A 11 1.42 -4.81 4.17
CA LYS A 11 2.56 -4.44 3.33
C LYS A 11 2.16 -3.57 2.14
N GLN A 12 0.86 -3.36 1.94
CA GLN A 12 0.34 -2.90 0.66
C GLN A 12 0.57 -1.42 0.42
N CYS A 13 0.31 -0.96 -0.81
CA CYS A 13 0.52 0.44 -1.17
C CYS A 13 -0.49 1.38 -0.51
N LEU A 14 0.02 2.39 0.18
CA LEU A 14 -0.83 3.39 0.84
C LEU A 14 -1.03 4.67 0.03
N ILE A 15 0.02 5.17 -0.63
CA ILE A 15 -0.02 6.48 -1.26
C ILE A 15 0.52 6.43 -2.69
N PHE A 16 -0.09 7.21 -3.57
CA PHE A 16 0.28 7.33 -4.99
C PHE A 16 0.13 6.01 -5.75
N CYS A 17 -0.75 5.13 -5.25
CA CYS A 17 -0.94 3.81 -5.84
C CYS A 17 -1.35 3.87 -7.30
N GLY A 1 -4.29 -1.07 1.09
CA GLY A 1 -4.93 -2.11 0.31
C GLY A 1 -5.09 -1.82 -1.17
N GLY A 2 -4.23 -0.95 -1.72
CA GLY A 2 -4.32 -0.58 -3.12
C GLY A 2 -3.58 -1.47 -4.08
N GLY A 3 -3.32 -2.72 -3.69
CA GLY A 3 -2.66 -3.69 -4.56
C GLY A 3 -1.15 -3.56 -4.63
N GLY A 4 -0.67 -2.34 -4.85
CA GLY A 4 0.76 -2.09 -4.92
C GLY A 4 1.41 -2.12 -3.55
N ARG A 5 2.48 -1.36 -3.37
CA ARG A 5 3.19 -1.31 -2.09
C ARG A 5 3.36 0.12 -1.60
N GLY A 6 3.45 0.28 -0.28
CA GLY A 6 3.62 1.58 0.33
C GLY A 6 2.76 1.79 1.55
N TYR A 7 3.22 1.29 2.70
CA TYR A 7 2.54 1.40 3.99
C TYR A 7 1.31 0.49 4.06
N GLU A 8 0.13 1.07 4.40
CA GLU A 8 -1.14 0.34 4.51
C GLU A 8 -1.10 -0.73 5.60
N TYR A 9 -1.97 -1.75 5.46
CA TYR A 9 -2.21 -2.74 6.51
C TYR A 9 -1.00 -3.62 6.81
N ASN A 10 -0.29 -4.02 5.76
CA ASN A 10 0.89 -4.88 5.90
C ASN A 10 2.10 -4.18 5.28
N LYS A 11 2.11 -4.11 3.95
CA LYS A 11 3.07 -3.32 3.20
C LYS A 11 2.49 -2.86 1.87
N GLN A 12 1.18 -2.95 1.75
CA GLN A 12 0.48 -2.66 0.50
C GLN A 12 0.38 -1.16 0.25
N CYS A 13 -0.17 -0.79 -0.90
CA CYS A 13 -0.33 0.62 -1.25
C CYS A 13 -1.36 1.33 -0.39
N LEU A 14 -0.92 2.37 0.31
CA LEU A 14 -1.82 3.35 0.92
C LEU A 14 -1.91 4.63 0.10
N ILE A 15 -0.77 5.18 -0.29
CA ILE A 15 -0.72 6.44 -1.03
C ILE A 15 0.07 6.31 -2.34
N PHE A 16 1.27 5.74 -2.26
CA PHE A 16 2.29 5.96 -3.28
C PHE A 16 2.34 4.86 -4.33
N CYS A 17 1.15 4.37 -4.71
CA CYS A 17 1.00 3.33 -5.74
C CYS A 17 1.98 3.52 -6.88
N GLY A 1 -4.14 -1.13 1.35
CA GLY A 1 -4.58 -2.27 0.58
C GLY A 1 -4.88 -2.02 -0.88
N GLY A 2 -4.23 -1.04 -1.48
CA GLY A 2 -4.50 -0.70 -2.87
C GLY A 2 -3.75 -1.50 -3.92
N GLY A 3 -3.43 -2.75 -3.61
CA GLY A 3 -2.80 -3.65 -4.57
C GLY A 3 -1.29 -3.54 -4.70
N GLY A 4 -0.79 -2.32 -4.86
CA GLY A 4 0.66 -2.11 -4.96
C GLY A 4 1.30 -2.08 -3.59
N ARG A 5 2.46 -1.44 -3.46
CA ARG A 5 3.19 -1.43 -2.19
C ARG A 5 3.16 -0.07 -1.50
N GLY A 6 3.46 -0.06 -0.21
CA GLY A 6 3.40 1.18 0.56
C GLY A 6 3.14 0.95 2.03
N TYR A 7 2.56 1.93 2.70
CA TYR A 7 2.28 1.87 4.13
C TYR A 7 1.16 0.89 4.53
N GLU A 8 0.10 0.85 3.71
CA GLU A 8 -1.21 0.34 4.11
C GLU A 8 -1.17 -1.10 4.59
N TYR A 9 -1.63 -1.28 5.84
CA TYR A 9 -1.80 -2.59 6.48
C TYR A 9 -0.51 -3.41 6.64
N ASN A 10 -0.03 -4.00 5.54
CA ASN A 10 1.19 -4.79 5.54
C ASN A 10 1.89 -4.60 4.20
N LYS A 11 2.64 -3.50 4.10
CA LYS A 11 3.43 -3.16 2.93
C LYS A 11 2.61 -2.96 1.64
N GLN A 12 1.36 -2.54 1.76
CA GLN A 12 0.50 -2.35 0.59
C GLN A 12 0.25 -0.88 0.28
N CYS A 13 -0.27 -0.62 -0.91
CA CYS A 13 -0.51 0.76 -1.36
C CYS A 13 -1.48 1.51 -0.46
N LEU A 14 -1.05 2.68 0.01
CA LEU A 14 -1.93 3.62 0.70
C LEU A 14 -2.26 4.81 -0.21
N ILE A 15 -1.22 5.45 -0.74
CA ILE A 15 -1.38 6.55 -1.69
C ILE A 15 -0.40 6.40 -2.85
N PHE A 16 0.89 6.26 -2.52
CA PHE A 16 1.93 6.15 -3.52
C PHE A 16 2.34 4.69 -3.66
N CYS A 17 1.60 3.96 -4.51
CA CYS A 17 1.69 2.49 -4.56
C CYS A 17 3.11 1.98 -4.74
N GLY A 1 -4.69 -1.28 2.33
CA GLY A 1 -4.14 -1.40 0.99
C GLY A 1 -4.68 -0.42 -0.04
N GLY A 2 -3.98 -0.35 -1.17
CA GLY A 2 -4.34 0.58 -2.24
C GLY A 2 -3.33 0.58 -3.36
N GLY A 3 -2.74 -0.58 -3.63
CA GLY A 3 -1.74 -0.72 -4.68
C GLY A 3 -0.72 -1.78 -4.29
N GLY A 4 0.41 -1.79 -4.96
CA GLY A 4 1.43 -2.82 -4.77
C GLY A 4 1.96 -3.01 -3.37
N ARG A 5 3.02 -2.30 -3.00
CA ARG A 5 3.66 -2.49 -1.70
C ARG A 5 4.15 -1.17 -1.10
N GLY A 6 3.89 -0.96 0.19
CA GLY A 6 4.35 0.24 0.86
C GLY A 6 4.08 0.26 2.34
N TYR A 7 2.81 0.35 2.72
CA TYR A 7 2.40 0.43 4.12
C TYR A 7 0.95 -0.05 4.21
N GLU A 8 0.00 0.89 4.45
CA GLU A 8 -1.44 0.63 4.45
C GLU A 8 -1.85 -0.44 5.44
N TYR A 9 -2.00 -1.67 4.95
CA TYR A 9 -2.42 -2.79 5.78
C TYR A 9 -1.23 -3.39 6.53
N ASN A 10 -0.10 -3.44 5.81
CA ASN A 10 1.19 -3.94 6.29
C ASN A 10 2.16 -4.01 5.13
N LYS A 11 1.69 -4.54 4.00
CA LYS A 11 2.54 -4.78 2.83
C LYS A 11 1.96 -4.29 1.51
N GLN A 12 1.03 -3.34 1.56
CA GLN A 12 0.40 -2.81 0.36
C GLN A 12 0.54 -1.29 0.28
N CYS A 13 0.54 -0.72 -0.91
CA CYS A 13 0.71 0.72 -1.05
C CYS A 13 -0.43 1.46 -0.36
N LEU A 14 -0.10 2.60 0.25
CA LEU A 14 -1.08 3.47 0.90
C LEU A 14 -1.61 4.45 -0.15
N ILE A 15 -2.17 3.88 -1.21
CA ILE A 15 -2.56 4.63 -2.40
C ILE A 15 -1.32 5.31 -2.96
N PHE A 16 -1.47 6.05 -4.05
CA PHE A 16 -0.39 6.85 -4.62
C PHE A 16 0.84 6.00 -4.95
N CYS A 17 0.59 4.73 -5.29
CA CYS A 17 1.65 3.74 -5.45
C CYS A 17 2.66 4.15 -6.52
N GLY A 1 -3.89 -1.39 2.20
CA GLY A 1 -3.61 -0.55 1.05
C GLY A 1 -4.37 -0.92 -0.22
N GLY A 2 -3.99 -0.24 -1.30
CA GLY A 2 -4.63 -0.40 -2.59
C GLY A 2 -3.68 0.02 -3.70
N GLY A 3 -2.59 -0.72 -3.85
CA GLY A 3 -1.58 -0.45 -4.86
C GLY A 3 -0.48 -1.48 -4.77
N GLY A 4 0.76 -1.07 -5.03
CA GLY A 4 1.89 -1.97 -4.94
C GLY A 4 2.21 -2.38 -3.51
N ARG A 5 3.32 -1.91 -2.96
CA ARG A 5 3.72 -2.25 -1.60
C ARG A 5 4.38 -1.08 -0.88
N GLY A 6 4.08 -0.94 0.41
CA GLY A 6 4.50 0.21 1.18
C GLY A 6 3.64 0.37 2.42
N TYR A 7 3.37 1.61 2.80
CA TYR A 7 2.48 1.89 3.94
C TYR A 7 1.08 1.33 3.68
N GLU A 8 0.35 1.08 4.79
CA GLU A 8 -1.02 0.55 4.86
C GLU A 8 -1.01 -0.88 5.37
N TYR A 9 -1.13 -0.98 6.72
CA TYR A 9 -1.10 -2.26 7.42
C TYR A 9 0.24 -2.93 7.12
N ASN A 10 0.26 -4.04 6.40
CA ASN A 10 1.49 -4.76 6.05
C ASN A 10 1.38 -5.38 4.67
N LYS A 11 0.46 -4.90 3.84
CA LYS A 11 0.03 -5.65 2.66
C LYS A 11 0.27 -4.96 1.32
N GLN A 12 -0.31 -3.78 1.12
CA GLN A 12 -0.22 -3.06 -0.13
C GLN A 12 0.05 -1.58 0.11
N CYS A 13 0.44 -0.86 -0.93
CA CYS A 13 0.72 0.58 -0.84
C CYS A 13 -0.53 1.36 -0.43
N LEU A 14 -0.33 2.49 0.25
CA LEU A 14 -1.42 3.33 0.71
C LEU A 14 -1.97 4.22 -0.40
N ILE A 15 -2.24 3.59 -1.54
CA ILE A 15 -2.75 4.24 -2.75
C ILE A 15 -1.70 5.20 -3.29
N PHE A 16 -1.74 5.51 -4.57
CA PHE A 16 -0.78 6.40 -5.21
C PHE A 16 0.65 5.92 -5.00
N CYS A 17 0.86 4.60 -5.16
CA CYS A 17 2.17 3.99 -4.89
C CYS A 17 3.29 4.69 -5.64
N GLY A 1 -3.89 -2.34 1.93
CA GLY A 1 -5.14 -1.71 1.54
C GLY A 1 -5.11 -1.09 0.16
N GLY A 2 -4.40 -1.70 -0.77
CA GLY A 2 -4.28 -1.18 -2.12
C GLY A 2 -3.70 -2.19 -3.08
N GLY A 3 -2.90 -1.69 -4.03
CA GLY A 3 -2.29 -2.54 -5.05
C GLY A 3 -0.89 -2.06 -5.41
N GLY A 4 0.11 -2.54 -4.67
CA GLY A 4 1.47 -2.07 -4.83
C GLY A 4 2.19 -2.23 -3.51
N ARG A 5 2.98 -1.25 -3.09
CA ARG A 5 3.56 -1.25 -1.74
C ARG A 5 3.76 0.17 -1.22
N GLY A 6 3.67 0.34 0.10
CA GLY A 6 3.95 1.61 0.74
C GLY A 6 2.91 2.07 1.74
N TYR A 7 3.23 1.94 3.03
CA TYR A 7 2.31 2.23 4.13
C TYR A 7 1.17 1.20 4.08
N GLU A 8 -0.06 1.59 4.50
CA GLU A 8 -1.28 0.78 4.34
C GLU A 8 -1.35 -0.43 5.24
N TYR A 9 -0.26 -0.66 5.99
CA TYR A 9 -0.10 -1.86 6.82
C TYR A 9 -0.10 -3.05 5.87
N ASN A 10 -0.38 -4.25 6.39
CA ASN A 10 -0.36 -5.48 5.60
C ASN A 10 0.89 -5.52 4.72
N LYS A 11 0.74 -5.40 3.40
CA LYS A 11 1.87 -5.29 2.48
C LYS A 11 1.49 -4.69 1.12
N GLN A 12 0.64 -3.68 1.12
CA GLN A 12 0.32 -2.95 -0.11
C GLN A 12 0.58 -1.46 0.06
N CYS A 13 0.14 -0.67 -0.92
CA CYS A 13 0.26 0.79 -0.88
C CYS A 13 -1.02 1.45 -0.40
N LEU A 14 -0.89 2.68 0.10
CA LEU A 14 -2.04 3.47 0.53
C LEU A 14 -2.45 4.49 -0.52
N ILE A 15 -1.49 5.27 -1.01
CA ILE A 15 -1.77 6.31 -2.00
C ILE A 15 -0.76 6.28 -3.14
N PHE A 16 0.52 6.34 -2.82
CA PHE A 16 1.56 6.48 -3.84
C PHE A 16 2.10 5.11 -4.23
N CYS A 17 1.22 4.30 -4.86
CA CYS A 17 1.56 2.93 -5.27
C CYS A 17 2.77 2.88 -6.18
N GLY A 1 -4.77 -1.95 2.28
CA GLY A 1 -4.29 -2.09 0.91
C GLY A 1 -5.07 -1.32 -0.13
N GLY A 2 -4.72 -1.54 -1.39
CA GLY A 2 -5.38 -0.84 -2.49
C GLY A 2 -4.62 -0.98 -3.80
N GLY A 3 -3.28 -1.00 -3.71
CA GLY A 3 -2.44 -1.18 -4.89
C GLY A 3 -1.23 -2.03 -4.57
N GLY A 4 -0.06 -1.63 -5.05
CA GLY A 4 1.16 -2.38 -4.85
C GLY A 4 1.64 -2.50 -3.41
N ARG A 5 2.74 -1.83 -3.07
CA ARG A 5 3.32 -1.95 -1.74
C ARG A 5 3.71 -0.61 -1.11
N GLY A 6 3.88 -0.61 0.21
CA GLY A 6 4.40 0.55 0.91
C GLY A 6 3.96 0.74 2.35
N TYR A 7 2.67 0.55 2.63
CA TYR A 7 2.11 0.76 3.96
C TYR A 7 0.73 0.10 4.03
N GLU A 8 -0.33 0.91 4.21
CA GLU A 8 -1.73 0.49 4.22
C GLU A 8 -2.02 -0.52 5.32
N TYR A 9 -1.90 -1.81 4.98
CA TYR A 9 -2.12 -2.89 5.94
C TYR A 9 -0.82 -3.25 6.64
N ASN A 10 0.26 -3.26 5.86
CA ASN A 10 1.62 -3.51 6.32
C ASN A 10 2.58 -3.49 5.14
N LYS A 11 2.21 -4.22 4.07
CA LYS A 11 3.06 -4.38 2.90
C LYS A 11 2.35 -3.98 1.60
N GLN A 12 1.30 -3.19 1.71
CA GLN A 12 0.46 -2.86 0.56
C GLN A 12 0.39 -1.36 0.34
N CYS A 13 0.05 -0.93 -0.88
CA CYS A 13 0.06 0.49 -1.20
C CYS A 13 -1.10 1.24 -0.55
N LEU A 14 -0.78 2.38 0.06
CA LEU A 14 -1.81 3.26 0.63
C LEU A 14 -2.22 4.36 -0.36
N ILE A 15 -1.26 5.11 -0.88
CA ILE A 15 -1.53 6.19 -1.82
C ILE A 15 -0.58 6.20 -3.02
N PHE A 16 0.71 6.16 -2.75
CA PHE A 16 1.71 6.66 -3.70
C PHE A 16 2.27 5.54 -4.57
N CYS A 17 1.35 4.72 -5.12
CA CYS A 17 1.72 3.47 -5.78
C CYS A 17 2.69 3.67 -6.93
N GLY A 1 -4.52 -1.76 1.91
CA GLY A 1 -4.28 -1.19 0.59
C GLY A 1 -4.78 -2.12 -0.50
N GLY A 2 -4.69 -1.70 -1.75
CA GLY A 2 -5.19 -2.51 -2.85
C GLY A 2 -4.27 -2.76 -4.02
N GLY A 3 -3.57 -1.73 -4.49
CA GLY A 3 -2.78 -1.85 -5.70
C GLY A 3 -1.32 -1.49 -5.53
N GLY A 4 -0.48 -2.49 -5.26
CA GLY A 4 0.94 -2.25 -5.10
C GLY A 4 1.40 -2.26 -3.67
N ARG A 5 2.50 -1.58 -3.39
CA ARG A 5 3.15 -1.62 -2.08
C ARG A 5 3.38 -0.25 -1.45
N GLY A 6 3.63 -0.25 -0.15
CA GLY A 6 3.89 0.97 0.59
C GLY A 6 3.87 0.78 2.11
N TYR A 7 2.68 0.66 2.68
CA TYR A 7 2.49 0.70 4.12
C TYR A 7 1.13 0.17 4.59
N GLU A 8 0.12 0.31 3.72
CA GLU A 8 -1.27 0.00 4.05
C GLU A 8 -1.42 -1.39 4.65
N TYR A 9 -2.00 -1.41 5.87
CA TYR A 9 -2.12 -2.58 6.74
C TYR A 9 -0.79 -3.15 7.20
N ASN A 10 0.10 -3.40 6.24
CA ASN A 10 1.42 -3.95 6.50
C ASN A 10 2.40 -3.42 5.45
N LYS A 11 2.14 -3.73 4.18
CA LYS A 11 3.02 -3.37 3.08
C LYS A 11 2.33 -2.99 1.78
N GLN A 12 1.02 -2.80 1.79
CA GLN A 12 0.27 -2.52 0.56
C GLN A 12 0.27 -1.04 0.22
N CYS A 13 -0.18 -0.69 -0.97
CA CYS A 13 -0.23 0.72 -1.36
C CYS A 13 -1.18 1.50 -0.47
N LEU A 14 -0.67 2.57 0.15
CA LEU A 14 -1.50 3.48 0.93
C LEU A 14 -1.95 4.68 0.12
N ILE A 15 -1.04 5.32 -0.59
CA ILE A 15 -1.36 6.46 -1.47
C ILE A 15 -0.49 6.47 -2.72
N PHE A 16 0.82 6.48 -2.55
CA PHE A 16 1.74 6.62 -3.67
C PHE A 16 2.27 5.26 -4.11
N CYS A 17 1.43 4.50 -4.83
CA CYS A 17 1.73 3.12 -5.18
C CYS A 17 3.05 2.96 -5.91
N GLY A 1 -4.43 -1.24 1.69
CA GLY A 1 -4.02 -0.78 0.38
C GLY A 1 -4.29 -1.86 -0.65
N GLY A 2 -4.28 -1.54 -1.94
CA GLY A 2 -4.61 -2.55 -2.94
C GLY A 2 -4.14 -2.30 -4.36
N GLY A 3 -3.00 -1.64 -4.52
CA GLY A 3 -2.46 -1.36 -5.83
C GLY A 3 -0.98 -1.04 -5.81
N GLY A 4 -0.25 -1.72 -4.93
CA GLY A 4 1.18 -1.48 -4.76
C GLY A 4 1.62 -1.86 -3.36
N ARG A 5 2.84 -1.48 -2.98
CA ARG A 5 3.42 -1.85 -1.68
C ARG A 5 3.75 -0.62 -0.84
N GLY A 6 4.05 -0.85 0.44
CA GLY A 6 4.50 0.22 1.32
C GLY A 6 4.10 0.09 2.77
N TYR A 7 2.85 0.46 3.07
CA TYR A 7 2.35 0.50 4.45
C TYR A 7 0.88 0.08 4.42
N GLU A 8 -0.05 1.03 4.61
CA GLU A 8 -1.50 0.83 4.55
C GLU A 8 -2.02 -0.11 5.62
N TYR A 9 -1.72 -1.41 5.45
CA TYR A 9 -2.09 -2.45 6.39
C TYR A 9 -0.90 -3.38 6.60
N ASN A 10 -0.49 -4.05 5.53
CA ASN A 10 0.68 -4.94 5.57
C ASN A 10 1.49 -4.82 4.28
N LYS A 11 2.39 -3.83 4.25
CA LYS A 11 3.21 -3.54 3.08
C LYS A 11 2.39 -3.36 1.81
N GLN A 12 1.31 -2.62 1.92
CA GLN A 12 0.44 -2.30 0.78
C GLN A 12 0.46 -0.78 0.56
N CYS A 13 0.18 -0.34 -0.66
CA CYS A 13 0.28 1.08 -0.97
C CYS A 13 -0.72 1.91 -0.16
N LEU A 14 -0.23 2.98 0.44
CA LEU A 14 -1.09 3.95 1.13
C LEU A 14 -1.38 5.15 0.23
N ILE A 15 -0.37 5.60 -0.49
CA ILE A 15 -0.49 6.74 -1.40
C ILE A 15 -0.09 6.34 -2.82
N PHE A 16 1.06 5.69 -2.94
CA PHE A 16 1.62 5.38 -4.26
C PHE A 16 1.11 4.02 -4.75
N CYS A 17 -0.12 4.02 -5.26
CA CYS A 17 -0.77 2.80 -5.78
C CYS A 17 -0.62 2.65 -7.28
N GLY A 1 -3.86 -1.35 0.97
CA GLY A 1 -3.97 -0.32 -0.04
C GLY A 1 -4.73 -0.76 -1.28
N GLY A 2 -4.49 -1.98 -1.76
CA GLY A 2 -5.20 -2.52 -2.90
C GLY A 2 -4.38 -2.87 -4.12
N GLY A 3 -3.31 -2.12 -4.39
CA GLY A 3 -2.50 -2.34 -5.58
C GLY A 3 -1.21 -1.55 -5.60
N GLY A 4 -0.21 -2.05 -4.87
CA GLY A 4 1.07 -1.37 -4.75
C GLY A 4 1.68 -1.65 -3.39
N ARG A 5 2.78 -0.98 -3.07
CA ARG A 5 3.46 -1.18 -1.79
C ARG A 5 3.91 0.14 -1.17
N GLY A 6 3.99 0.16 0.16
CA GLY A 6 4.34 1.35 0.91
C GLY A 6 3.42 1.60 2.08
N TYR A 7 3.69 0.94 3.20
CA TYR A 7 2.90 1.03 4.43
C TYR A 7 1.55 0.33 4.33
N GLU A 8 0.43 1.05 4.47
CA GLU A 8 -0.92 0.47 4.45
C GLU A 8 -1.08 -0.60 5.51
N TYR A 9 -2.14 -1.42 5.37
CA TYR A 9 -2.48 -2.47 6.34
C TYR A 9 -1.48 -3.61 6.36
N ASN A 10 -1.03 -4.03 5.18
CA ASN A 10 -0.11 -5.16 5.06
C ASN A 10 0.98 -4.89 4.02
N LYS A 11 1.78 -3.85 4.29
CA LYS A 11 2.90 -3.44 3.46
C LYS A 11 2.49 -3.03 2.03
N GLN A 12 1.20 -2.85 1.83
CA GLN A 12 0.65 -2.42 0.55
C GLN A 12 0.74 -0.89 0.45
N CYS A 13 0.14 -0.33 -0.59
CA CYS A 13 0.19 1.11 -0.86
C CYS A 13 -0.70 1.99 0.03
N LEU A 14 -0.08 2.74 0.94
CA LEU A 14 -0.78 3.86 1.58
C LEU A 14 -0.91 5.04 0.63
N ILE A 15 0.14 5.27 -0.16
CA ILE A 15 0.17 6.40 -1.10
C ILE A 15 0.37 5.91 -2.54
N PHE A 16 1.36 5.04 -2.74
CA PHE A 16 1.84 4.73 -4.08
C PHE A 16 1.13 3.50 -4.64
N CYS A 17 -0.13 3.70 -5.05
CA CYS A 17 -1.08 2.61 -5.31
C CYS A 17 -1.46 2.47 -6.76
N GLY A 1 -4.89 -2.00 1.98
CA GLY A 1 -5.86 -1.06 1.43
C GLY A 1 -5.60 -0.60 0.01
N GLY A 2 -4.94 -1.43 -0.80
CA GLY A 2 -4.65 -1.06 -2.17
C GLY A 2 -3.92 -2.15 -2.95
N GLY A 3 -2.94 -1.75 -3.74
CA GLY A 3 -2.17 -2.67 -4.56
C GLY A 3 -0.78 -2.14 -4.82
N GLY A 4 0.22 -2.99 -4.66
CA GLY A 4 1.61 -2.56 -4.68
C GLY A 4 2.13 -2.55 -3.26
N ARG A 5 3.02 -1.62 -2.93
CA ARG A 5 3.52 -1.49 -1.56
C ARG A 5 3.72 -0.05 -1.14
N GLY A 6 3.55 0.22 0.15
CA GLY A 6 3.71 1.55 0.70
C GLY A 6 2.64 1.88 1.73
N TYR A 7 2.95 1.64 3.00
CA TYR A 7 2.03 1.85 4.12
C TYR A 7 0.91 0.81 4.08
N GLU A 8 -0.34 1.24 4.34
CA GLU A 8 -1.57 0.43 4.21
C GLU A 8 -1.71 -0.70 5.20
N TYR A 9 -0.61 -0.98 5.93
CA TYR A 9 -0.37 -2.26 6.57
C TYR A 9 -0.29 -3.35 5.50
N ASN A 10 -0.09 -4.60 5.90
CA ASN A 10 -0.12 -5.74 4.99
C ASN A 10 0.87 -5.63 3.82
N LYS A 11 1.90 -4.82 3.99
CA LYS A 11 2.92 -4.55 2.98
C LYS A 11 2.31 -4.05 1.66
N GLN A 12 1.13 -3.44 1.73
CA GLN A 12 0.40 -2.99 0.55
C GLN A 12 0.54 -1.49 0.34
N CYS A 13 0.00 -0.99 -0.76
CA CYS A 13 0.06 0.44 -1.08
C CYS A 13 -1.16 1.23 -0.60
N LEU A 14 -0.90 2.34 0.10
CA LEU A 14 -1.94 3.31 0.42
C LEU A 14 -1.86 4.59 -0.42
N ILE A 15 -0.65 5.09 -0.65
CA ILE A 15 -0.44 6.43 -1.20
C ILE A 15 0.49 6.41 -2.42
N PHE A 16 -0.03 6.80 -3.58
CA PHE A 16 0.75 7.07 -4.78
C PHE A 16 1.68 5.91 -5.17
N CYS A 17 1.08 4.72 -5.28
CA CYS A 17 1.81 3.48 -5.59
C CYS A 17 2.93 3.69 -6.59
N GLY A 1 -4.81 -1.43 2.83
CA GLY A 1 -4.54 -2.08 1.56
C GLY A 1 -4.90 -1.33 0.30
N GLY A 2 -4.30 -1.74 -0.81
CA GLY A 2 -4.48 -1.06 -2.08
C GLY A 2 -4.05 -1.92 -3.25
N GLY A 3 -3.32 -1.31 -4.18
CA GLY A 3 -2.94 -1.96 -5.42
C GLY A 3 -1.46 -1.98 -5.70
N GLY A 4 -0.69 -2.60 -4.81
CA GLY A 4 0.75 -2.66 -4.98
C GLY A 4 1.46 -2.83 -3.65
N ARG A 5 2.64 -2.23 -3.50
CA ARG A 5 3.45 -2.39 -2.29
C ARG A 5 3.74 -1.05 -1.60
N GLY A 6 4.07 -1.11 -0.31
CA GLY A 6 4.39 0.08 0.45
C GLY A 6 4.12 0.00 1.94
N TYR A 7 2.89 0.25 2.36
CA TYR A 7 2.57 0.49 3.77
C TYR A 7 1.14 0.15 4.18
N GLU A 8 0.18 0.30 3.24
CA GLU A 8 -1.25 0.14 3.51
C GLU A 8 -1.54 -1.13 4.29
N TYR A 9 -2.01 -0.91 5.53
CA TYR A 9 -2.28 -1.96 6.52
C TYR A 9 -1.03 -2.67 7.00
N ASN A 10 -0.19 -3.10 6.07
CA ASN A 10 1.13 -3.62 6.36
C ASN A 10 2.15 -3.11 5.33
N LYS A 11 2.01 -3.57 4.09
CA LYS A 11 2.98 -3.28 3.03
C LYS A 11 2.37 -3.16 1.63
N GLN A 12 1.16 -2.62 1.51
CA GLN A 12 0.57 -2.38 0.20
C GLN A 12 0.58 -0.91 -0.20
N CYS A 13 0.30 -0.61 -1.47
CA CYS A 13 0.30 0.78 -1.93
C CYS A 13 -0.74 1.60 -1.17
N LEU A 14 -0.27 2.59 -0.43
CA LEU A 14 -1.14 3.49 0.34
C LEU A 14 -1.59 4.63 -0.57
N ILE A 15 -2.23 4.24 -1.67
CA ILE A 15 -2.71 5.13 -2.73
C ILE A 15 -1.55 5.70 -3.55
N PHE A 16 -0.57 6.26 -2.86
CA PHE A 16 0.52 7.01 -3.48
C PHE A 16 1.78 6.16 -3.61
N CYS A 17 1.62 4.83 -3.40
CA CYS A 17 2.73 3.88 -3.47
C CYS A 17 4.01 4.44 -2.88
#